data_5DEU
#
_entry.id   5DEU
#
_cell.length_a   48.262
_cell.length_b   87.522
_cell.length_c   260.864
_cell.angle_alpha   90.000
_cell.angle_beta   90.000
_cell.angle_gamma   90.000
#
_symmetry.space_group_name_H-M   'C 2 2 21'
#
loop_
_entity.id
_entity.type
_entity.pdbx_description
1 polymer 'Methylcytosine dioxygenase TET2, chimeric construct'
2 polymer "DNA (5'-D(*AP*CP*CP*AP*CP*(5HC)P*GP*GP*TP*GP*GP*T)-3')"
3 polymer "DNA (5'-D(P*CP*CP*AP*CP*(5HC)P*GP*GP*TP*GP*GP*T)-3')"
4 non-polymer N-OXALYLGLYCINE
5 non-polymer '2-(N-MORPHOLINO)-ETHANESULFONIC ACID'
6 non-polymer 'FE (III) ION'
7 non-polymer 'ZINC ION'
8 non-polymer 'CHLORIDE ION'
9 water water
#
loop_
_entity_poly.entity_id
_entity_poly.type
_entity_poly.pdbx_seq_one_letter_code
_entity_poly.pdbx_strand_id
1 'polypeptide(L)'
;GSDFPSCRCVEQIIEKDEGPFYTHLGAGPNVAAIREIMEERFGQKGKAIRIERVIYTGKEGKSSQGCPIAKWVVRRSSSE
EKLLCLVRERAGHTCEAAVIVILILVWEGIPLSLADKLYSELTETLRKYGTLTNRRCALNEERTCACQGLDPETCGASFS
FGCSWSMYYNGCKFARSKIPRKFKLLGDDPKEEEKLESHLQNLSTLMAPTYKKLAPDAYNNQIEYEHRAPECRLGLKEGR
PFSGVTACLDFCAHAHRDLHNMQNGSTLVCTLTREDNREFGGKPEDEQLHVLPLYKVSDVDEFGSVEAQEEKKRSGAIQV
LSSFRRKVRMLAEPVKTCRQRKLEAKKAAAEKLSGGGGSGGGGSGGGGSDEVWSDSEQSFLDPDIGGVAVAPTHGSILIE
CAKRELHATTPLKNPNRNHPTRISLVFYQHKSMNEPKHGLALWEAKMAEKAREKEEECEKYG
;
A
2 'polydeoxyribonucleotide' (DA)(DC)(DC)(DA)(DC)(5HC)(DG)(DG)(DT)(DG)(DG)(DT) B
3 'polydeoxyribonucleotide' (DC)(DC)(DA)(DC)(5HC)(DG)(DG)(DT)(DG)(DG)(DT) C
#
# COMPACT_ATOMS: atom_id res chain seq x y z
N SER A 6 -2.82 -17.64 -24.24
CA SER A 6 -3.14 -16.47 -23.41
C SER A 6 -3.37 -15.24 -24.27
N CYS A 7 -4.61 -15.00 -24.69
CA CYS A 7 -5.77 -15.70 -24.14
C CYS A 7 -6.89 -15.83 -25.18
N ARG A 8 -7.64 -16.93 -25.11
CA ARG A 8 -8.75 -17.15 -26.06
C ARG A 8 -10.10 -17.38 -25.36
N CYS A 9 -10.10 -17.31 -24.04
CA CYS A 9 -11.30 -17.46 -23.23
C CYS A 9 -12.41 -16.49 -23.63
N VAL A 10 -12.01 -15.25 -23.93
CA VAL A 10 -12.94 -14.22 -24.41
C VAL A 10 -12.26 -13.43 -25.52
N GLU A 11 -13.04 -12.90 -26.46
CA GLU A 11 -12.48 -12.12 -27.56
C GLU A 11 -11.83 -10.84 -27.07
N GLN A 12 -12.43 -10.24 -26.04
CA GLN A 12 -11.89 -9.02 -25.44
C GLN A 12 -11.81 -9.10 -23.91
N ILE A 13 -10.65 -8.75 -23.37
CA ILE A 13 -10.49 -8.63 -21.93
C ILE A 13 -11.03 -7.28 -21.50
N ILE A 14 -12.19 -7.30 -20.85
CA ILE A 14 -12.83 -6.07 -20.43
C ILE A 14 -12.53 -5.85 -18.96
N GLU A 15 -11.52 -5.04 -18.69
CA GLU A 15 -10.98 -4.88 -17.34
C GLU A 15 -11.96 -4.27 -16.34
N LYS A 16 -12.94 -3.51 -16.83
CA LYS A 16 -13.95 -2.97 -15.93
C LYS A 16 -14.97 -4.05 -15.50
N ASP A 17 -14.91 -5.20 -16.17
CA ASP A 17 -15.76 -6.33 -15.83
C ASP A 17 -15.00 -7.34 -14.95
N GLU A 18 -13.78 -7.68 -15.36
CA GLU A 18 -13.04 -8.73 -14.67
C GLU A 18 -11.92 -8.21 -13.78
N GLY A 19 -11.69 -6.90 -13.82
CA GLY A 19 -10.59 -6.31 -13.07
C GLY A 19 -9.33 -6.18 -13.91
N PRO A 20 -8.35 -5.41 -13.44
CA PRO A 20 -7.10 -5.21 -14.20
C PRO A 20 -6.34 -6.52 -14.35
N PHE A 21 -5.80 -6.80 -15.54
CA PHE A 21 -5.07 -8.05 -15.73
C PHE A 21 -3.57 -7.84 -15.69
N TYR A 22 -2.91 -8.58 -14.81
CA TYR A 22 -1.44 -8.60 -14.73
C TYR A 22 -1.04 -9.88 -14.02
N THR A 23 0.18 -10.36 -14.27
CA THR A 23 0.59 -11.65 -13.73
C THR A 23 1.88 -11.57 -12.94
N HIS A 24 2.43 -10.37 -12.79
CA HIS A 24 3.77 -10.24 -12.23
C HIS A 24 3.88 -10.45 -10.70
N LEU A 25 2.74 -10.58 -10.02
CA LEU A 25 2.78 -11.04 -8.63
C LEU A 25 2.57 -12.55 -8.56
N GLY A 26 2.09 -13.13 -9.66
CA GLY A 26 1.84 -14.55 -9.67
C GLY A 26 0.53 -14.90 -10.36
N ALA A 27 0.50 -16.03 -11.04
CA ALA A 27 -0.68 -16.43 -11.80
C ALA A 27 -0.67 -17.93 -12.05
N GLY A 28 -1.86 -18.51 -12.25
CA GLY A 28 -1.98 -19.93 -12.49
C GLY A 28 -3.37 -20.31 -12.98
N PRO A 29 -3.55 -21.58 -13.36
CA PRO A 29 -4.85 -22.04 -13.86
C PRO A 29 -5.91 -22.15 -12.78
N ASN A 30 -5.51 -22.31 -11.52
CA ASN A 30 -6.46 -22.46 -10.43
C ASN A 30 -5.81 -22.10 -9.11
N VAL A 31 -6.60 -22.06 -8.04
CA VAL A 31 -6.08 -21.63 -6.75
C VAL A 31 -4.99 -22.57 -6.26
N ALA A 32 -5.17 -23.87 -6.48
CA ALA A 32 -4.17 -24.87 -6.10
C ALA A 32 -2.79 -24.57 -6.69
N ALA A 33 -2.75 -24.12 -7.95
CA ALA A 33 -1.49 -23.76 -8.58
C ALA A 33 -0.82 -22.59 -7.87
N ILE A 34 -1.63 -21.65 -7.37
CA ILE A 34 -1.09 -20.51 -6.65
C ILE A 34 -0.43 -20.97 -5.35
N ARG A 35 -1.07 -21.90 -4.65
CA ARG A 35 -0.51 -22.42 -3.40
C ARG A 35 0.85 -23.07 -3.66
N GLU A 36 0.93 -23.83 -4.74
CA GLU A 36 2.20 -24.44 -5.15
C GLU A 36 3.28 -23.40 -5.41
N ILE A 37 2.91 -22.34 -6.12
CA ILE A 37 3.87 -21.27 -6.41
C ILE A 37 4.32 -20.60 -5.11
N MET A 38 3.36 -20.28 -4.24
CA MET A 38 3.68 -19.55 -3.03
C MET A 38 4.43 -20.44 -2.03
N GLU A 39 4.10 -21.72 -1.99
CA GLU A 39 4.84 -22.67 -1.15
C GLU A 39 6.30 -22.76 -1.59
N GLU A 40 6.52 -22.84 -2.89
CA GLU A 40 7.88 -22.88 -3.44
C GLU A 40 8.64 -21.59 -3.12
N ARG A 41 8.00 -20.45 -3.33
CA ARG A 41 8.66 -19.17 -3.11
C ARG A 41 9.00 -18.94 -1.66
N PHE A 42 8.03 -19.20 -0.79
CA PHE A 42 8.19 -18.92 0.64
C PHE A 42 9.04 -19.96 1.37
N GLY A 43 9.07 -21.18 0.84
CA GLY A 43 9.88 -22.24 1.44
C GLY A 43 9.16 -23.08 2.49
N GLN A 44 7.86 -22.86 2.65
CA GLN A 44 7.05 -23.66 3.58
C GLN A 44 5.75 -24.09 2.92
N LYS A 45 5.08 -25.06 3.52
CA LYS A 45 3.80 -25.53 3.00
C LYS A 45 2.69 -25.45 4.04
N GLY A 46 1.48 -25.83 3.64
CA GLY A 46 0.36 -25.94 4.55
C GLY A 46 -0.04 -24.66 5.23
N LYS A 47 -0.27 -24.77 6.53
CA LYS A 47 -0.86 -23.72 7.36
C LYS A 47 -0.11 -22.38 7.31
N ALA A 48 1.20 -22.41 7.02
CA ALA A 48 1.98 -21.17 6.97
C ALA A 48 1.49 -20.21 5.90
N ILE A 49 0.89 -20.76 4.86
CA ILE A 49 0.37 -19.93 3.78
C ILE A 49 -1.15 -19.92 3.80
N ARG A 50 -1.74 -18.74 3.68
CA ARG A 50 -3.19 -18.59 3.64
C ARG A 50 -3.55 -17.86 2.35
N ILE A 51 -4.52 -18.40 1.62
CA ILE A 51 -4.99 -17.76 0.41
C ILE A 51 -6.46 -17.39 0.56
N GLU A 52 -6.81 -16.14 0.26
CA GLU A 52 -8.22 -15.72 0.28
C GLU A 52 -8.63 -15.37 -1.15
N ARG A 53 -9.75 -15.90 -1.60
CA ARG A 53 -10.29 -15.51 -2.90
C ARG A 53 -11.10 -14.25 -2.71
N VAL A 54 -10.78 -13.21 -3.48
CA VAL A 54 -11.58 -12.00 -3.46
C VAL A 54 -12.19 -11.78 -4.84
N ILE A 55 -13.36 -11.16 -4.88
CA ILE A 55 -14.11 -11.02 -6.12
C ILE A 55 -14.21 -9.56 -6.55
N TYR A 56 -13.76 -9.28 -7.76
CA TYR A 56 -13.86 -7.93 -8.30
C TYR A 56 -15.30 -7.58 -8.65
N THR A 57 -15.83 -6.54 -8.03
CA THR A 57 -17.20 -6.12 -8.33
C THR A 57 -17.22 -4.80 -9.08
N GLY A 58 -16.15 -4.02 -8.94
CA GLY A 58 -16.05 -2.75 -9.62
C GLY A 58 -16.90 -1.65 -9.04
N LYS A 59 -17.54 -1.92 -7.90
CA LYS A 59 -18.42 -0.95 -7.25
C LYS A 59 -17.78 -0.53 -5.95
N GLU A 60 -17.49 0.77 -5.81
CA GLU A 60 -16.58 1.23 -4.77
C GLU A 60 -17.25 1.47 -3.43
N GLY A 61 -16.76 0.81 -2.39
CA GLY A 61 -17.24 1.08 -1.04
C GLY A 61 -16.69 2.40 -0.55
N LYS A 62 -17.57 3.31 -0.14
CA LYS A 62 -17.13 4.60 0.40
C LYS A 62 -18.22 5.16 1.31
N SER A 63 -17.84 6.06 2.21
CA SER A 63 -18.85 6.66 3.09
C SER A 63 -19.72 7.62 2.29
N SER A 64 -20.78 8.11 2.91
CA SER A 64 -21.66 9.09 2.27
C SER A 64 -20.90 10.35 1.87
N GLN A 65 -19.75 10.57 2.49
CA GLN A 65 -18.93 11.74 2.22
C GLN A 65 -17.80 11.45 1.23
N GLY A 66 -17.67 10.19 0.84
CA GLY A 66 -16.70 9.81 -0.18
C GLY A 66 -15.38 9.33 0.39
N CYS A 67 -15.39 8.96 1.66
CA CYS A 67 -14.15 8.60 2.36
C CYS A 67 -14.06 7.08 2.58
N PRO A 68 -12.84 6.56 2.79
CA PRO A 68 -12.65 5.10 2.75
C PRO A 68 -13.38 4.35 3.84
N ILE A 69 -13.92 3.18 3.50
CA ILE A 69 -14.52 2.30 4.50
C ILE A 69 -14.13 0.87 4.20
N ALA A 70 -14.14 0.03 5.22
CA ALA A 70 -13.95 -1.41 5.06
C ALA A 70 -15.29 -2.07 5.26
N LYS A 71 -15.56 -3.14 4.53
CA LYS A 71 -16.76 -3.95 4.80
C LYS A 71 -16.39 -5.30 5.41
N TRP A 72 -15.19 -5.77 5.05
CA TRP A 72 -14.66 -7.01 5.60
C TRP A 72 -13.20 -6.77 5.95
N VAL A 73 -12.74 -7.39 7.03
CA VAL A 73 -11.33 -7.29 7.37
C VAL A 73 -10.69 -8.66 7.45
N VAL A 74 -9.68 -8.87 6.62
CA VAL A 74 -8.87 -10.08 6.68
C VAL A 74 -7.80 -9.87 7.74
N ARG A 75 -7.81 -10.70 8.77
CA ARG A 75 -6.88 -10.54 9.89
C ARG A 75 -6.05 -11.79 10.04
N ARG A 76 -4.82 -11.64 10.51
CA ARG A 76 -3.94 -12.79 10.71
C ARG A 76 -4.63 -13.80 11.62
N SER A 77 -4.74 -15.04 11.15
CA SER A 77 -5.56 -16.04 11.84
C SER A 77 -4.89 -16.58 13.10
N SER A 78 -3.56 -16.77 13.04
CA SER A 78 -2.79 -17.22 14.19
C SER A 78 -1.32 -16.90 13.94
N SER A 79 -0.49 -17.09 14.96
CA SER A 79 0.95 -16.91 14.78
C SER A 79 1.54 -17.94 13.80
N GLU A 80 0.80 -19.01 13.55
CA GLU A 80 1.23 -20.01 12.56
C GLU A 80 1.09 -19.53 11.12
N GLU A 81 0.15 -18.62 10.87
CA GLU A 81 -0.03 -18.05 9.54
C GLU A 81 1.13 -17.07 9.27
N LYS A 82 1.90 -17.34 8.22
CA LYS A 82 3.11 -16.55 7.92
C LYS A 82 2.94 -15.67 6.71
N LEU A 83 2.14 -16.11 5.75
CA LEU A 83 1.99 -15.43 4.47
C LEU A 83 0.55 -15.45 4.00
N LEU A 84 0.01 -14.27 3.70
CA LEU A 84 -1.36 -14.15 3.19
C LEU A 84 -1.31 -13.73 1.74
N CYS A 85 -2.08 -14.41 0.89
CA CYS A 85 -2.16 -14.02 -0.52
C CYS A 85 -3.62 -13.83 -0.86
N LEU A 86 -3.95 -12.68 -1.45
CA LEU A 86 -5.30 -12.49 -1.98
C LEU A 86 -5.22 -12.79 -3.46
N VAL A 87 -6.15 -13.60 -3.96
CA VAL A 87 -6.17 -13.98 -5.36
C VAL A 87 -7.51 -13.62 -6.00
N ARG A 88 -7.45 -13.28 -7.28
CA ARG A 88 -8.65 -13.02 -8.05
C ARG A 88 -8.80 -14.12 -9.08
N GLU A 89 -9.91 -14.85 -9.03
CA GLU A 89 -10.23 -15.78 -10.10
C GLU A 89 -10.94 -14.94 -11.15
N ARG A 90 -10.38 -14.88 -12.35
CA ARG A 90 -10.88 -13.97 -13.35
C ARG A 90 -12.16 -14.51 -13.97
N ALA A 91 -13.21 -13.71 -13.90
CA ALA A 91 -14.55 -14.09 -14.36
C ALA A 91 -14.52 -14.70 -15.75
N GLY A 92 -14.91 -15.97 -15.84
CA GLY A 92 -15.04 -16.65 -17.11
C GLY A 92 -13.77 -17.04 -17.84
N HIS A 93 -12.70 -17.37 -17.10
CA HIS A 93 -11.44 -17.82 -17.69
C HIS A 93 -11.06 -19.26 -17.33
N THR A 94 -10.48 -19.96 -18.29
CA THR A 94 -10.12 -21.38 -18.16
C THR A 94 -8.65 -21.60 -18.53
N CYS A 95 -7.89 -20.50 -18.64
CA CYS A 95 -6.54 -20.54 -19.18
C CYS A 95 -5.46 -20.59 -18.09
N GLU A 96 -4.20 -20.61 -18.52
CA GLU A 96 -3.08 -20.74 -17.58
C GLU A 96 -2.88 -19.55 -16.64
N ALA A 97 -3.58 -18.45 -16.91
CA ALA A 97 -3.51 -17.28 -16.03
C ALA A 97 -4.91 -16.90 -15.57
N ALA A 98 -5.76 -17.90 -15.33
CA ALA A 98 -7.14 -17.68 -14.93
C ALA A 98 -7.23 -17.06 -13.55
N VAL A 99 -6.27 -17.39 -12.69
CA VAL A 99 -6.22 -16.84 -11.35
C VAL A 99 -4.94 -16.02 -11.20
N ILE A 100 -5.05 -14.81 -10.66
CA ILE A 100 -3.86 -13.98 -10.46
C ILE A 100 -3.75 -13.53 -9.01
N VAL A 101 -2.53 -13.29 -8.57
CA VAL A 101 -2.27 -12.79 -7.22
C VAL A 101 -2.39 -11.28 -7.24
N ILE A 102 -3.16 -10.70 -6.32
CA ILE A 102 -3.29 -9.24 -6.28
C ILE A 102 -2.73 -8.61 -5.00
N LEU A 103 -2.43 -9.42 -3.99
CA LEU A 103 -1.83 -8.88 -2.77
C LEU A 103 -1.07 -9.97 -2.03
N ILE A 104 0.12 -9.65 -1.54
CA ILE A 104 0.89 -10.59 -0.73
C ILE A 104 1.26 -9.89 0.56
N LEU A 105 1.02 -10.55 1.69
CA LEU A 105 1.33 -9.94 2.99
C LEU A 105 2.19 -10.90 3.80
N VAL A 106 3.44 -10.50 4.07
CA VAL A 106 4.32 -11.25 4.94
C VAL A 106 4.15 -10.69 6.33
N TRP A 107 3.55 -11.47 7.23
CA TRP A 107 3.21 -10.96 8.55
C TRP A 107 4.47 -10.61 9.33
N GLU A 108 5.48 -11.47 9.22
CA GLU A 108 6.73 -11.26 9.93
C GLU A 108 7.77 -10.77 8.91
N GLY A 109 7.70 -9.49 8.56
CA GLY A 109 8.49 -8.94 7.48
C GLY A 109 9.89 -8.50 7.86
N ILE A 110 10.00 -7.64 8.88
CA ILE A 110 11.31 -7.22 9.36
C ILE A 110 11.41 -7.57 10.85
N PRO A 111 12.63 -7.60 11.40
CA PRO A 111 12.74 -7.94 12.82
C PRO A 111 11.98 -6.95 13.72
N LEU A 112 11.36 -7.43 14.80
CA LEU A 112 10.52 -6.56 15.60
C LEU A 112 11.31 -5.47 16.32
N SER A 113 12.57 -5.76 16.65
CA SER A 113 13.40 -4.77 17.34
C SER A 113 13.67 -3.62 16.40
N LEU A 114 13.84 -3.93 15.11
CA LEU A 114 14.04 -2.91 14.08
C LEU A 114 12.76 -2.09 13.85
N ALA A 115 11.63 -2.77 13.77
CA ALA A 115 10.35 -2.08 13.61
C ALA A 115 10.08 -1.15 14.78
N ASP A 116 10.40 -1.59 16.00
CA ASP A 116 10.23 -0.76 17.19
C ASP A 116 11.05 0.52 17.07
N LYS A 117 12.28 0.36 16.60
CA LYS A 117 13.23 1.47 16.55
C LYS A 117 12.87 2.47 15.44
N LEU A 118 12.50 1.97 14.27
CA LEU A 118 12.09 2.84 13.17
C LEU A 118 10.87 3.67 13.57
N TYR A 119 9.95 3.07 14.31
CA TYR A 119 8.74 3.78 14.68
C TYR A 119 9.10 5.01 15.54
N SER A 120 9.96 4.81 16.54
CA SER A 120 10.42 5.91 17.40
C SER A 120 11.15 6.98 16.61
N GLU A 121 12.12 6.53 15.82
CA GLU A 121 13.09 7.44 15.21
C GLU A 121 12.46 8.22 14.07
N LEU A 122 11.61 7.57 13.31
CA LEU A 122 10.93 8.25 12.21
C LEU A 122 9.89 9.25 12.74
N THR A 123 9.14 8.85 13.76
CA THR A 123 8.18 9.77 14.37
C THR A 123 8.88 11.02 14.87
N GLU A 124 9.97 10.86 15.63
CA GLU A 124 10.68 12.00 16.19
C GLU A 124 11.29 12.89 15.11
N THR A 125 11.92 12.26 14.12
CA THR A 125 12.58 13.04 13.06
C THR A 125 11.58 13.81 12.22
N LEU A 126 10.49 13.15 11.83
CA LEU A 126 9.54 13.75 10.90
C LEU A 126 8.66 14.80 11.58
N ARG A 127 8.41 14.62 12.87
CA ARG A 127 7.63 15.62 13.60
C ARG A 127 8.46 16.90 13.79
N LYS A 128 9.77 16.75 13.96
CA LYS A 128 10.65 17.91 14.18
C LYS A 128 11.19 18.55 12.89
N TYR A 129 11.39 17.74 11.85
CA TYR A 129 12.08 18.24 10.67
C TYR A 129 11.41 17.91 9.33
N GLY A 130 10.34 17.14 9.35
CA GLY A 130 9.68 16.72 8.12
C GLY A 130 9.00 17.84 7.35
N THR A 131 9.19 17.87 6.03
CA THR A 131 8.41 18.78 5.20
C THR A 131 7.34 17.94 4.50
N LEU A 132 6.07 18.24 4.76
CA LEU A 132 5.04 17.35 4.26
C LEU A 132 4.86 17.47 2.74
N THR A 133 4.46 16.38 2.11
N THR A 133 4.44 16.36 2.14
CA THR A 133 4.17 16.41 0.68
CA THR A 133 4.16 16.29 0.71
C THR A 133 2.69 16.26 0.48
C THR A 133 2.65 16.25 0.51
N ASN A 134 2.09 17.24 -0.18
CA ASN A 134 0.65 17.21 -0.44
C ASN A 134 0.34 16.29 -1.61
N ARG A 135 -0.60 15.37 -1.42
CA ARG A 135 -1.02 14.45 -2.47
C ARG A 135 -2.51 14.54 -2.68
N ARG A 136 -2.94 14.16 -3.88
CA ARG A 136 -4.34 14.17 -4.27
C ARG A 136 -5.17 13.35 -3.30
N CYS A 137 -4.64 12.19 -2.90
CA CYS A 137 -5.43 11.22 -2.14
C CYS A 137 -5.54 11.58 -0.66
N ALA A 138 -5.00 12.74 -0.28
CA ALA A 138 -5.14 13.24 1.08
C ALA A 138 -6.58 13.72 1.34
N LEU A 139 -7.31 14.01 0.27
CA LEU A 139 -8.67 14.51 0.42
C LEU A 139 -9.67 13.71 -0.41
N ASN A 140 -10.95 13.85 -0.08
CA ASN A 140 -11.99 13.23 -0.88
C ASN A 140 -12.19 14.01 -2.17
N GLU A 141 -13.14 13.56 -2.99
CA GLU A 141 -13.43 14.18 -4.27
C GLU A 141 -13.79 15.66 -4.13
N GLU A 142 -14.65 15.96 -3.16
CA GLU A 142 -15.13 17.33 -2.93
C GLU A 142 -14.06 18.26 -2.34
N ARG A 143 -12.93 17.67 -1.92
CA ARG A 143 -11.83 18.43 -1.31
C ARG A 143 -12.24 19.15 -0.02
N THR A 144 -13.16 18.58 0.74
CA THR A 144 -13.70 19.25 1.93
C THR A 144 -13.69 18.43 3.22
N CYS A 145 -13.25 17.17 3.14
CA CYS A 145 -13.22 16.34 4.34
C CYS A 145 -12.08 16.73 5.26
N ALA A 146 -12.07 16.16 6.47
CA ALA A 146 -11.05 16.46 7.48
C ALA A 146 -10.51 15.17 8.08
N CYS A 147 -10.35 14.17 7.21
CA CYS A 147 -9.92 12.85 7.62
C CYS A 147 -8.54 12.81 8.25
N GLN A 148 -7.68 13.77 7.89
CA GLN A 148 -6.33 13.81 8.44
C GLN A 148 -6.31 14.46 9.82
N GLY A 149 -7.41 15.12 10.15
CA GLY A 149 -7.49 15.95 11.33
C GLY A 149 -7.35 17.41 10.95
N LEU A 150 -7.72 18.33 11.84
CA LEU A 150 -7.70 19.74 11.51
C LEU A 150 -6.58 20.53 12.20
N ASP A 151 -5.91 19.89 13.15
CA ASP A 151 -4.80 20.53 13.83
C ASP A 151 -3.56 20.33 12.96
N PRO A 152 -3.05 21.41 12.36
CA PRO A 152 -1.94 21.25 11.41
C PRO A 152 -0.68 20.72 12.08
N GLU A 153 -0.57 20.89 13.40
CA GLU A 153 0.58 20.39 14.13
C GLU A 153 0.54 18.88 14.27
N THR A 154 -0.67 18.32 14.31
CA THR A 154 -0.83 16.90 14.61
C THR A 154 -1.50 16.06 13.52
N CYS A 155 -2.06 16.70 12.49
CA CYS A 155 -2.80 15.93 11.48
C CYS A 155 -1.98 14.87 10.76
N GLY A 156 -2.66 13.83 10.27
CA GLY A 156 -2.01 12.82 9.46
C GLY A 156 -1.31 13.44 8.27
N ALA A 157 -0.20 12.86 7.83
CA ALA A 157 0.58 13.46 6.76
C ALA A 157 1.43 12.42 6.01
N SER A 158 1.82 12.78 4.80
CA SER A 158 2.74 11.98 3.99
C SER A 158 4.04 12.75 3.80
N PHE A 159 5.17 12.04 3.85
CA PHE A 159 6.48 12.65 3.64
C PHE A 159 7.23 11.83 2.59
N SER A 160 7.59 12.43 1.46
CA SER A 160 8.16 11.65 0.37
C SER A 160 9.66 11.87 0.25
N PHE A 161 10.38 10.80 -0.06
CA PHE A 161 11.83 10.84 -0.14
C PHE A 161 12.28 10.06 -1.36
N GLY A 162 13.57 10.13 -1.66
CA GLY A 162 14.10 9.44 -2.84
C GLY A 162 13.83 10.21 -4.11
N CYS A 163 13.76 9.49 -5.24
CA CYS A 163 13.51 10.14 -6.52
C CYS A 163 12.05 9.98 -6.93
N SER A 164 11.57 10.93 -7.72
CA SER A 164 10.21 10.88 -8.23
C SER A 164 10.23 11.36 -9.66
N TRP A 165 9.30 10.85 -10.46
CA TRP A 165 9.10 11.29 -11.82
C TRP A 165 8.45 12.67 -11.86
N SER A 166 8.83 13.45 -12.86
CA SER A 166 8.33 14.80 -13.05
C SER A 166 7.90 14.98 -14.49
N MET A 167 6.67 15.45 -14.70
CA MET A 167 6.18 15.73 -16.04
C MET A 167 7.02 16.78 -16.74
N TYR A 168 7.65 17.65 -15.95
CA TYR A 168 8.40 18.76 -16.53
C TYR A 168 9.66 18.27 -17.26
N TYR A 169 10.21 17.14 -16.82
CA TYR A 169 11.44 16.62 -17.41
C TYR A 169 11.17 15.30 -18.13
N ASN A 170 9.95 14.79 -18.00
CA ASN A 170 9.62 13.40 -18.33
C ASN A 170 10.67 12.45 -17.80
N GLY A 171 11.01 12.62 -16.53
CA GLY A 171 12.04 11.84 -15.89
C GLY A 171 12.24 12.35 -14.48
N CYS A 172 13.36 12.00 -13.87
CA CYS A 172 13.55 12.32 -12.45
C CYS A 172 13.46 13.82 -12.16
N LYS A 173 12.85 14.15 -11.01
CA LYS A 173 12.67 15.54 -10.61
C LYS A 173 13.99 16.22 -10.24
N PHE A 174 15.07 15.45 -10.14
CA PHE A 174 16.36 16.02 -9.79
C PHE A 174 17.23 16.32 -11.02
N ALA A 175 16.60 16.35 -12.19
CA ALA A 175 17.30 16.63 -13.45
C ALA A 175 18.24 17.82 -13.41
N ARG A 176 17.87 18.83 -12.63
CA ARG A 176 18.62 20.08 -12.61
C ARG A 176 19.34 20.33 -11.29
N SER A 177 19.33 19.34 -10.42
CA SER A 177 19.95 19.49 -9.10
C SER A 177 21.39 19.04 -9.09
N LYS A 178 22.31 19.98 -8.87
CA LYS A 178 23.72 19.67 -8.72
C LYS A 178 23.95 18.60 -7.65
N ILE A 179 23.49 18.88 -6.43
CA ILE A 179 23.63 17.95 -5.31
C ILE A 179 22.27 17.62 -4.72
N PRO A 180 21.57 16.63 -5.30
CA PRO A 180 20.21 16.27 -4.88
C PRO A 180 20.18 15.76 -3.43
N ARG A 181 19.18 16.19 -2.67
CA ARG A 181 19.02 15.69 -1.32
C ARG A 181 17.76 14.83 -1.28
N LYS A 182 17.97 13.52 -1.38
CA LYS A 182 16.87 12.56 -1.42
C LYS A 182 16.09 12.54 -0.11
N PHE A 183 16.71 13.03 0.95
CA PHE A 183 16.13 12.91 2.28
C PHE A 183 16.04 14.27 2.94
N LYS A 184 15.63 15.23 2.12
CA LYS A 184 15.51 16.63 2.51
C LYS A 184 14.54 16.81 3.66
N LEU A 185 15.05 17.43 4.72
CA LEU A 185 14.26 17.81 5.88
C LEU A 185 14.29 19.32 6.00
N LEU A 186 13.53 19.86 6.94
CA LEU A 186 13.49 21.31 7.14
C LEU A 186 14.86 21.89 7.42
N GLY A 187 15.07 23.11 6.93
CA GLY A 187 16.35 23.78 7.08
C GLY A 187 17.45 23.13 6.26
N ASP A 188 18.61 23.02 6.88
CA ASP A 188 19.77 22.40 6.25
C ASP A 188 20.61 21.80 7.37
N ASP A 189 20.15 20.65 7.86
CA ASP A 189 20.82 19.92 8.92
C ASP A 189 21.28 18.58 8.37
N PRO A 190 22.45 18.56 7.72
CA PRO A 190 22.98 17.36 7.05
C PRO A 190 23.03 16.16 8.00
N LYS A 191 23.29 16.39 9.28
CA LYS A 191 23.38 15.28 10.23
C LYS A 191 22.04 14.55 10.43
N GLU A 192 20.95 15.30 10.56
CA GLU A 192 19.64 14.68 10.71
C GLU A 192 19.22 14.00 9.43
N GLU A 193 19.54 14.61 8.30
CA GLU A 193 19.21 14.01 7.01
C GLU A 193 20.03 12.74 6.81
N GLU A 194 21.26 12.75 7.30
CA GLU A 194 22.13 11.60 7.18
C GLU A 194 21.57 10.42 7.98
N LYS A 195 21.13 10.70 9.20
CA LYS A 195 20.49 9.68 10.03
C LYS A 195 19.23 9.10 9.37
N LEU A 196 18.39 9.98 8.84
CA LEU A 196 17.18 9.52 8.17
C LEU A 196 17.50 8.69 6.94
N GLU A 197 18.44 9.17 6.13
CA GLU A 197 18.88 8.41 4.97
C GLU A 197 19.35 7.00 5.35
N SER A 198 20.19 6.93 6.38
CA SER A 198 20.70 5.65 6.86
C SER A 198 19.55 4.70 7.22
N HIS A 199 18.54 5.19 7.92
CA HIS A 199 17.43 4.31 8.28
C HIS A 199 16.71 3.77 7.05
N LEU A 200 16.35 4.67 6.13
CA LEU A 200 15.56 4.27 4.97
C LEU A 200 16.38 3.48 3.95
N GLN A 201 17.67 3.78 3.82
CA GLN A 201 18.56 3.01 2.95
C GLN A 201 18.74 1.58 3.49
N ASN A 202 18.99 1.46 4.80
CA ASN A 202 19.09 0.15 5.41
C ASN A 202 17.81 -0.67 5.25
N LEU A 203 16.65 -0.03 5.42
CA LEU A 203 15.38 -0.71 5.21
C LEU A 203 15.18 -1.12 3.75
N SER A 204 15.57 -0.25 2.82
CA SER A 204 15.48 -0.60 1.40
C SER A 204 16.31 -1.84 1.13
N THR A 205 17.49 -1.87 1.73
CA THR A 205 18.45 -2.93 1.51
C THR A 205 17.89 -4.24 2.04
N LEU A 206 17.23 -4.16 3.19
CA LEU A 206 16.65 -5.33 3.84
C LEU A 206 15.45 -5.87 3.08
N MET A 207 14.62 -4.98 2.56
CA MET A 207 13.39 -5.41 1.91
C MET A 207 13.59 -5.95 0.51
N ALA A 208 14.68 -5.59 -0.15
CA ALA A 208 14.89 -6.06 -1.51
C ALA A 208 14.89 -7.60 -1.69
N PRO A 209 15.63 -8.34 -0.84
CA PRO A 209 15.63 -9.81 -1.00
C PRO A 209 14.28 -10.47 -0.71
N THR A 210 13.50 -9.91 0.21
CA THR A 210 12.15 -10.41 0.46
C THR A 210 11.27 -10.20 -0.76
N TYR A 211 11.39 -9.02 -1.38
CA TYR A 211 10.71 -8.72 -2.63
C TYR A 211 11.09 -9.73 -3.71
N LYS A 212 12.39 -9.96 -3.89
CA LYS A 212 12.82 -10.92 -4.90
C LYS A 212 12.25 -12.32 -4.62
N LYS A 213 12.23 -12.70 -3.34
CA LYS A 213 11.78 -14.02 -2.93
C LYS A 213 10.30 -14.23 -3.24
N LEU A 214 9.48 -13.25 -2.92
CA LEU A 214 8.03 -13.44 -2.93
C LEU A 214 7.31 -12.94 -4.18
N ALA A 215 7.92 -11.99 -4.90
CA ALA A 215 7.34 -11.50 -6.15
C ALA A 215 8.45 -11.33 -7.18
N PRO A 216 9.08 -12.44 -7.57
CA PRO A 216 10.30 -12.39 -8.39
C PRO A 216 10.13 -11.70 -9.74
N ASP A 217 8.98 -11.85 -10.37
CA ASP A 217 8.77 -11.23 -11.69
C ASP A 217 8.72 -9.70 -11.61
N ALA A 218 7.95 -9.19 -10.64
CA ALA A 218 7.88 -7.75 -10.42
C ALA A 218 9.24 -7.20 -10.04
N TYR A 219 9.94 -7.93 -9.17
CA TYR A 219 11.26 -7.52 -8.71
C TYR A 219 12.17 -7.39 -9.91
N ASN A 220 12.22 -8.45 -10.70
CA ASN A 220 13.14 -8.48 -11.81
C ASN A 220 12.86 -7.37 -12.82
N ASN A 221 11.58 -7.00 -12.95
CA ASN A 221 11.21 -5.84 -13.77
C ASN A 221 11.81 -4.53 -13.26
N GLN A 222 11.83 -4.37 -11.94
CA GLN A 222 12.29 -3.12 -11.33
C GLN A 222 13.81 -3.00 -11.24
N ILE A 223 14.52 -4.12 -11.40
CA ILE A 223 15.99 -4.03 -11.40
C ILE A 223 16.60 -4.06 -12.81
N GLU A 224 15.78 -4.05 -13.85
CA GLU A 224 16.30 -4.19 -15.22
C GLU A 224 17.32 -3.11 -15.60
N TYR A 225 17.14 -1.89 -15.08
CA TYR A 225 18.04 -0.80 -15.43
C TYR A 225 18.84 -0.26 -14.24
N GLU A 226 19.05 -1.12 -13.25
CA GLU A 226 19.74 -0.72 -12.03
C GLU A 226 21.09 -0.10 -12.34
N HIS A 227 21.80 -0.66 -13.31
CA HIS A 227 23.14 -0.18 -13.61
C HIS A 227 23.18 0.99 -14.57
N ARG A 228 22.04 1.28 -15.20
CA ARG A 228 21.96 2.43 -16.09
C ARG A 228 21.65 3.71 -15.30
N ALA A 229 20.82 3.58 -14.26
CA ALA A 229 20.39 4.74 -13.48
C ALA A 229 20.60 4.55 -11.97
N PRO A 230 21.85 4.31 -11.56
CA PRO A 230 22.08 3.99 -10.15
C PRO A 230 21.72 5.14 -9.21
N GLU A 231 21.86 6.37 -9.67
CA GLU A 231 21.52 7.53 -8.82
C GLU A 231 20.03 7.64 -8.52
N CYS A 232 19.19 7.01 -9.35
CA CYS A 232 17.75 7.00 -9.09
C CYS A 232 17.30 5.71 -8.40
N ARG A 233 18.22 5.02 -7.74
CA ARG A 233 17.82 3.86 -6.93
C ARG A 233 18.24 4.00 -5.46
N LEU A 234 17.41 3.48 -4.57
CA LEU A 234 17.75 3.33 -3.15
C LEU A 234 18.46 1.99 -2.93
N GLY A 235 19.02 1.81 -1.74
CA GLY A 235 19.59 0.52 -1.40
C GLY A 235 21.10 0.49 -1.46
N LEU A 236 21.71 -0.35 -0.62
CA LEU A 236 23.15 -0.31 -0.42
C LEU A 236 23.87 -1.56 -0.94
N LYS A 237 23.11 -2.49 -1.50
CA LYS A 237 23.68 -3.74 -1.99
C LYS A 237 23.14 -4.04 -3.39
N GLU A 238 23.87 -4.85 -4.15
CA GLU A 238 23.41 -5.31 -5.45
C GLU A 238 21.96 -5.79 -5.39
N GLY A 239 21.11 -5.27 -6.27
CA GLY A 239 19.70 -5.57 -6.26
C GLY A 239 18.87 -4.43 -5.69
N ARG A 240 18.52 -3.45 -6.53
CA ARG A 240 17.96 -2.19 -6.06
C ARG A 240 16.68 -1.83 -6.80
N PRO A 241 15.56 -2.44 -6.40
CA PRO A 241 14.32 -2.23 -7.16
C PRO A 241 13.61 -0.91 -6.84
N PHE A 242 13.95 -0.29 -5.71
CA PHE A 242 13.22 0.88 -5.24
C PHE A 242 13.87 2.20 -5.66
N SER A 243 13.04 3.22 -5.87
CA SER A 243 13.53 4.51 -6.32
C SER A 243 13.06 5.63 -5.38
N GLY A 244 11.80 5.52 -4.95
CA GLY A 244 11.24 6.49 -4.01
C GLY A 244 10.68 5.80 -2.79
N VAL A 245 10.53 6.56 -1.71
CA VAL A 245 9.85 6.04 -0.53
C VAL A 245 9.06 7.15 0.15
N THR A 246 7.83 6.83 0.53
CA THR A 246 6.98 7.78 1.27
C THR A 246 6.61 7.21 2.62
N ALA A 247 6.72 8.03 3.64
CA ALA A 247 6.34 7.66 5.00
C ALA A 247 4.98 8.30 5.26
N CYS A 248 4.02 7.49 5.67
CA CYS A 248 2.67 7.98 5.92
C CYS A 248 2.37 7.80 7.39
N LEU A 249 2.08 8.90 8.07
CA LEU A 249 1.87 8.88 9.51
C LEU A 249 0.43 9.25 9.83
N ASP A 250 -0.35 8.28 10.25
CA ASP A 250 -1.79 8.47 10.54
C ASP A 250 -2.52 9.10 9.36
N PHE A 251 -2.07 8.71 8.18
CA PHE A 251 -2.53 9.33 6.93
C PHE A 251 -3.67 8.53 6.31
N CYS A 252 -4.78 9.22 6.06
CA CYS A 252 -5.89 8.57 5.38
C CYS A 252 -5.71 8.73 3.87
N ALA A 253 -5.36 7.64 3.17
CA ALA A 253 -5.19 7.70 1.72
C ALA A 253 -6.53 7.40 1.09
N HIS A 254 -7.16 8.40 0.50
CA HIS A 254 -8.48 8.15 -0.09
C HIS A 254 -8.29 7.27 -1.30
N ALA A 255 -9.37 6.64 -1.77
CA ALA A 255 -9.28 5.65 -2.84
C ALA A 255 -8.51 6.24 -4.01
N HIS A 256 -7.44 5.56 -4.42
CA HIS A 256 -6.60 6.02 -5.53
C HIS A 256 -5.78 4.90 -6.15
N ARG A 257 -5.20 5.17 -7.32
CA ARG A 257 -4.16 4.34 -7.89
C ARG A 257 -2.91 5.22 -7.95
N ASP A 258 -1.73 4.61 -7.86
CA ASP A 258 -0.50 5.38 -7.96
C ASP A 258 -0.04 5.40 -9.42
N LEU A 259 -0.57 6.38 -10.14
CA LEU A 259 -0.61 6.36 -11.60
C LEU A 259 0.75 6.53 -12.26
N HIS A 260 1.71 7.15 -11.59
CA HIS A 260 3.00 7.30 -12.26
C HIS A 260 4.06 6.32 -11.77
N ASN A 261 3.62 5.27 -11.09
CA ASN A 261 4.48 4.14 -10.80
C ASN A 261 4.78 3.45 -12.12
N MET A 262 5.89 2.74 -12.19
CA MET A 262 6.26 2.08 -13.44
C MET A 262 5.36 0.90 -13.77
N GLN A 263 5.22 0.63 -15.06
CA GLN A 263 4.42 -0.49 -15.52
C GLN A 263 5.07 -1.80 -15.06
N ASN A 264 4.24 -2.74 -14.62
CA ASN A 264 4.72 -4.08 -14.29
C ASN A 264 5.66 -4.09 -13.10
N GLY A 265 5.45 -3.16 -12.17
CA GLY A 265 6.20 -3.16 -10.94
C GLY A 265 5.20 -3.29 -9.83
N SER A 266 5.65 -3.19 -8.59
CA SER A 266 4.70 -3.20 -7.49
C SER A 266 5.17 -2.29 -6.39
N THR A 267 4.31 -2.14 -5.39
CA THR A 267 4.63 -1.32 -4.25
C THR A 267 4.79 -2.23 -3.04
N LEU A 268 5.79 -1.95 -2.21
CA LEU A 268 5.93 -2.66 -0.94
C LEU A 268 5.64 -1.70 0.17
N VAL A 269 4.80 -2.12 1.11
CA VAL A 269 4.45 -1.27 2.24
C VAL A 269 4.91 -1.95 3.52
N CYS A 270 5.80 -1.31 4.26
CA CYS A 270 6.21 -1.82 5.56
C CYS A 270 5.42 -1.05 6.61
N THR A 271 4.73 -1.78 7.49
CA THR A 271 3.87 -1.17 8.52
C THR A 271 4.54 -1.17 9.89
N LEU A 272 4.46 -0.02 10.57
CA LEU A 272 4.90 0.11 11.97
C LEU A 272 3.68 0.60 12.76
N THR A 273 3.46 0.05 13.95
CA THR A 273 2.28 0.45 14.71
C THR A 273 2.60 1.04 16.07
N ARG A 274 1.64 1.77 16.63
CA ARG A 274 1.75 2.33 17.98
C ARG A 274 1.91 1.20 18.98
N GLU A 275 2.46 1.51 20.16
CA GLU A 275 2.88 0.49 21.11
C GLU A 275 1.74 -0.35 21.71
N ASP A 276 0.50 0.10 21.53
CA ASP A 276 -0.66 -0.63 22.06
C ASP A 276 -1.16 -1.66 21.04
N ASN A 277 -0.50 -1.75 19.89
CA ASN A 277 -0.92 -2.68 18.86
C ASN A 277 0.26 -3.49 18.38
N ARG A 278 0.94 -4.19 19.30
CA ARG A 278 2.12 -4.95 18.88
C ARG A 278 2.12 -6.39 19.35
N GLU A 279 0.97 -6.84 19.84
CA GLU A 279 0.84 -8.21 20.34
C GLU A 279 -0.27 -8.93 19.58
N PHE A 280 -0.03 -10.18 19.19
CA PHE A 280 -1.06 -10.94 18.51
C PHE A 280 -2.25 -11.14 19.44
N GLY A 281 -3.44 -10.81 18.95
CA GLY A 281 -4.66 -11.01 19.70
C GLY A 281 -4.99 -9.90 20.67
N GLY A 282 -4.27 -8.79 20.57
CA GLY A 282 -4.54 -7.63 21.39
C GLY A 282 -5.75 -6.87 20.87
N LYS A 283 -6.30 -5.99 21.72
CA LYS A 283 -7.41 -5.14 21.32
C LYS A 283 -6.97 -3.69 21.36
N PRO A 284 -6.33 -3.21 20.29
CA PRO A 284 -5.87 -1.82 20.29
C PRO A 284 -7.04 -0.84 20.32
N GLU A 285 -6.80 0.35 20.87
CA GLU A 285 -7.83 1.40 20.96
C GLU A 285 -8.25 1.93 19.59
N ASP A 286 -7.33 1.88 18.62
CA ASP A 286 -7.64 2.23 17.23
C ASP A 286 -6.66 1.53 16.32
N GLU A 287 -6.98 1.45 15.03
CA GLU A 287 -6.06 0.86 14.07
C GLU A 287 -6.40 1.36 12.68
N GLN A 288 -5.42 1.29 11.80
CA GLN A 288 -5.66 1.65 10.40
C GLN A 288 -5.63 0.39 9.52
N LEU A 289 -6.53 0.37 8.54
CA LEU A 289 -6.66 -0.77 7.65
C LEU A 289 -6.27 -0.33 6.25
N HIS A 290 -5.80 -1.28 5.45
CA HIS A 290 -5.51 -1.06 4.03
C HIS A 290 -6.65 -1.72 3.26
N VAL A 291 -7.32 -0.96 2.38
CA VAL A 291 -8.60 -1.43 1.81
C VAL A 291 -8.52 -1.51 0.28
N LEU A 292 -9.12 -2.55 -0.30
CA LEU A 292 -9.36 -2.65 -1.75
C LEU A 292 -10.86 -2.44 -1.99
N PRO A 293 -11.25 -1.21 -2.32
CA PRO A 293 -12.68 -0.82 -2.33
C PRO A 293 -13.52 -1.47 -3.43
N LEU A 294 -12.89 -2.10 -4.41
CA LEU A 294 -13.64 -2.67 -5.53
C LEU A 294 -13.84 -4.18 -5.43
N TYR A 295 -13.55 -4.76 -4.25
CA TYR A 295 -13.61 -6.20 -4.10
C TYR A 295 -14.51 -6.62 -2.97
N LYS A 296 -15.08 -7.82 -3.07
CA LYS A 296 -15.82 -8.42 -1.96
C LYS A 296 -15.19 -9.78 -1.62
N VAL A 297 -15.53 -10.33 -0.46
CA VAL A 297 -14.96 -11.62 -0.07
C VAL A 297 -15.79 -12.73 -0.71
N SER A 298 -15.20 -13.92 -0.79
CA SER A 298 -15.86 -15.07 -1.37
C SER A 298 -16.71 -15.76 -0.32
N ASP A 299 -17.64 -16.60 -0.76
CA ASP A 299 -18.45 -17.38 0.17
C ASP A 299 -17.73 -18.68 0.50
N VAL A 300 -16.54 -18.82 -0.06
CA VAL A 300 -15.81 -20.08 -0.04
C VAL A 300 -14.34 -19.82 0.32
N ASP A 301 -13.71 -20.75 1.03
CA ASP A 301 -12.30 -20.59 1.41
C ASP A 301 -11.36 -20.97 0.27
N GLU A 302 -10.05 -20.96 0.53
CA GLU A 302 -9.06 -21.32 -0.49
C GLU A 302 -9.41 -22.63 -1.20
N PHE A 303 -9.82 -23.61 -0.40
CA PHE A 303 -10.01 -24.97 -0.92
C PHE A 303 -11.42 -25.25 -1.43
N GLY A 304 -12.27 -24.22 -1.39
CA GLY A 304 -13.61 -24.33 -1.93
C GLY A 304 -14.70 -24.74 -0.95
N SER A 305 -14.38 -24.75 0.35
CA SER A 305 -15.38 -25.11 1.36
C SER A 305 -16.17 -23.90 1.84
N VAL A 306 -17.49 -24.02 1.88
CA VAL A 306 -18.34 -22.98 2.45
C VAL A 306 -18.17 -22.95 3.96
N GLU A 307 -18.23 -24.14 4.58
CA GLU A 307 -18.10 -24.24 6.04
C GLU A 307 -16.81 -23.62 6.57
N ALA A 308 -15.70 -23.84 5.87
CA ALA A 308 -14.41 -23.30 6.31
C ALA A 308 -14.41 -21.77 6.29
N GLN A 309 -15.09 -21.20 5.30
CA GLN A 309 -15.20 -19.73 5.21
C GLN A 309 -16.10 -19.21 6.33
N GLU A 310 -17.15 -19.95 6.66
CA GLU A 310 -18.01 -19.58 7.78
C GLU A 310 -17.27 -19.68 9.11
N GLU A 311 -16.34 -20.63 9.20
CA GLU A 311 -15.53 -20.78 10.42
C GLU A 311 -14.72 -19.53 10.65
N LYS A 312 -14.07 -19.07 9.59
CA LYS A 312 -13.21 -17.89 9.61
C LYS A 312 -13.99 -16.62 9.96
N LYS A 313 -15.23 -16.52 9.50
CA LYS A 313 -16.05 -15.36 9.81
C LYS A 313 -16.41 -15.35 11.29
N ARG A 314 -16.64 -16.55 11.84
CA ARG A 314 -17.03 -16.73 13.24
C ARG A 314 -15.83 -16.59 14.17
N SER A 315 -14.64 -16.87 13.65
CA SER A 315 -13.42 -16.79 14.46
C SER A 315 -12.82 -15.39 14.42
N GLY A 316 -13.24 -14.59 13.45
CA GLY A 316 -12.72 -13.23 13.30
C GLY A 316 -11.53 -13.13 12.38
N ALA A 317 -11.18 -14.23 11.72
CA ALA A 317 -10.12 -14.22 10.70
C ALA A 317 -10.61 -13.49 9.46
N ILE A 318 -11.92 -13.49 9.27
CA ILE A 318 -12.56 -12.56 8.34
C ILE A 318 -13.62 -11.83 9.16
N GLN A 319 -13.39 -10.55 9.45
CA GLN A 319 -14.32 -9.80 10.28
C GLN A 319 -15.37 -9.18 9.38
N VAL A 320 -16.62 -9.61 9.55
CA VAL A 320 -17.72 -8.99 8.80
C VAL A 320 -18.18 -7.74 9.54
N LEU A 321 -17.98 -6.58 8.94
CA LEU A 321 -18.33 -5.32 9.60
C LEU A 321 -19.78 -4.93 9.31
N SER A 322 -20.31 -4.01 10.10
CA SER A 322 -21.63 -3.46 9.83
C SER A 322 -21.53 -1.95 9.64
N SER A 323 -22.61 -1.32 9.17
CA SER A 323 -22.55 0.08 8.80
C SER A 323 -22.44 0.95 10.03
N PHE A 324 -21.93 2.17 9.85
CA PHE A 324 -21.83 3.13 10.94
C PHE A 324 -22.55 4.43 10.59
N ARG A 325 -22.86 5.21 11.60
CA ARG A 325 -23.35 6.56 11.41
C ARG A 325 -22.65 7.44 12.42
N ARG A 326 -21.68 8.22 11.93
CA ARG A 326 -20.79 8.97 12.82
C ARG A 326 -20.71 10.45 12.44
N LYS A 327 -20.42 11.27 13.43
CA LYS A 327 -20.22 12.69 13.21
C LYS A 327 -18.83 12.94 12.65
N VAL A 328 -18.72 13.85 11.70
CA VAL A 328 -17.43 14.19 11.11
C VAL A 328 -17.37 15.68 10.75
N ARG A 329 -16.15 16.19 10.57
CA ARG A 329 -15.95 17.57 10.17
C ARG A 329 -15.95 17.73 8.65
N MET A 330 -16.44 18.86 8.17
CA MET A 330 -16.34 19.21 6.75
C MET A 330 -15.96 20.68 6.61
N LEU A 331 -14.90 20.94 5.84
CA LEU A 331 -14.39 22.30 5.64
C LEU A 331 -15.41 23.17 4.93
N ALA A 332 -15.38 24.47 5.24
CA ALA A 332 -16.30 25.43 4.65
C ALA A 332 -15.90 25.79 3.24
N GLU A 333 -14.59 25.74 2.97
CA GLU A 333 -14.06 25.98 1.63
C GLU A 333 -13.31 24.74 1.19
N PRO A 334 -13.39 24.38 -0.10
CA PRO A 334 -12.57 23.25 -0.56
C PRO A 334 -11.10 23.63 -0.50
N VAL A 335 -10.24 22.66 -0.23
CA VAL A 335 -8.80 22.89 -0.27
C VAL A 335 -8.35 23.11 -1.72
N LYS A 336 -7.60 24.18 -1.94
CA LYS A 336 -7.20 24.54 -3.30
C LYS A 336 -6.18 23.59 -3.94
N THR A 337 -5.81 23.91 -5.17
CA THR A 337 -4.88 23.14 -5.99
C THR A 337 -3.56 23.92 -6.07
N CYS A 338 -2.50 23.25 -6.53
CA CYS A 338 -1.24 23.88 -6.94
C CYS A 338 -0.28 24.12 -5.78
N GLY A 368 -12.77 27.58 8.48
CA GLY A 368 -13.74 27.04 9.41
C GLY A 368 -14.27 25.68 8.98
N SER A 369 -14.92 24.98 9.90
CA SER A 369 -15.52 23.70 9.60
C SER A 369 -16.90 23.56 10.23
N ASP A 370 -17.66 22.57 9.77
CA ASP A 370 -18.96 22.28 10.34
C ASP A 370 -19.09 20.78 10.60
N GLU A 371 -19.92 20.43 11.57
CA GLU A 371 -20.18 19.03 11.90
C GLU A 371 -21.27 18.45 11.01
N VAL A 372 -20.97 17.33 10.36
CA VAL A 372 -21.86 16.71 9.39
C VAL A 372 -22.12 15.27 9.80
N TRP A 373 -23.20 14.68 9.30
CA TRP A 373 -23.39 13.25 9.45
C TRP A 373 -22.76 12.46 8.32
N SER A 374 -21.88 11.54 8.69
CA SER A 374 -21.31 10.59 7.75
C SER A 374 -21.77 9.20 8.11
N ASP A 375 -22.09 8.41 7.09
CA ASP A 375 -22.55 7.04 7.32
C ASP A 375 -22.11 6.14 6.18
N SER A 376 -22.24 4.84 6.37
CA SER A 376 -21.83 3.89 5.36
C SER A 376 -22.99 2.98 5.01
N GLU A 377 -24.20 3.41 5.37
CA GLU A 377 -25.38 2.56 5.22
C GLU A 377 -25.58 2.05 3.79
N GLN A 378 -25.35 2.93 2.82
CA GLN A 378 -25.64 2.54 1.44
C GLN A 378 -24.65 1.51 0.94
N SER A 379 -23.42 1.57 1.44
CA SER A 379 -22.41 0.61 1.03
C SER A 379 -22.70 -0.78 1.57
N PHE A 380 -23.31 -0.85 2.75
CA PHE A 380 -23.60 -2.14 3.36
C PHE A 380 -24.88 -2.79 2.87
N LEU A 381 -25.79 -2.00 2.29
CA LEU A 381 -27.03 -2.54 1.74
C LEU A 381 -26.81 -3.32 0.43
N ASP A 382 -25.74 -3.00 -0.28
CA ASP A 382 -25.46 -3.66 -1.57
C ASP A 382 -24.34 -4.67 -1.40
N PRO A 383 -24.67 -5.97 -1.54
CA PRO A 383 -23.68 -7.05 -1.32
C PRO A 383 -22.52 -6.94 -2.29
N ASP A 384 -22.76 -6.33 -3.44
CA ASP A 384 -21.72 -6.18 -4.47
C ASP A 384 -20.90 -4.90 -4.37
N ILE A 385 -21.21 -4.02 -3.41
CA ILE A 385 -20.31 -2.90 -3.18
C ILE A 385 -19.13 -3.44 -2.38
N GLY A 386 -17.93 -3.09 -2.82
CA GLY A 386 -16.73 -3.69 -2.27
C GLY A 386 -16.13 -2.98 -1.08
N GLY A 387 -15.00 -3.49 -0.61
CA GLY A 387 -14.37 -2.96 0.58
C GLY A 387 -13.66 -4.05 1.36
N VAL A 388 -12.81 -4.79 0.69
CA VAL A 388 -11.99 -5.80 1.38
C VAL A 388 -10.76 -5.14 1.99
N ALA A 389 -10.62 -5.26 3.30
CA ALA A 389 -9.48 -4.69 3.98
C ALA A 389 -8.58 -5.78 4.53
N VAL A 390 -7.30 -5.45 4.72
CA VAL A 390 -6.41 -6.28 5.53
C VAL A 390 -5.95 -5.40 6.69
N ALA A 391 -5.61 -6.03 7.83
CA ALA A 391 -5.07 -5.27 8.96
C ALA A 391 -3.60 -5.60 9.10
N PRO A 392 -2.71 -4.79 8.49
CA PRO A 392 -1.27 -5.12 8.55
C PRO A 392 -0.77 -4.93 9.97
N THR A 393 0.15 -5.79 10.38
CA THR A 393 0.68 -5.76 11.73
C THR A 393 2.03 -5.07 11.77
N HIS A 394 2.50 -4.79 12.98
CA HIS A 394 3.81 -4.20 13.21
C HIS A 394 4.91 -5.07 12.60
N GLY A 395 5.69 -4.52 11.69
CA GLY A 395 6.81 -5.25 11.11
C GLY A 395 6.43 -5.99 9.83
N SER A 396 5.16 -5.94 9.44
CA SER A 396 4.72 -6.68 8.25
C SER A 396 5.08 -5.97 6.93
N ILE A 397 5.08 -6.73 5.84
CA ILE A 397 5.36 -6.17 4.51
C ILE A 397 4.25 -6.61 3.56
N LEU A 398 3.64 -5.62 2.90
CA LEU A 398 2.51 -5.84 2.00
C LEU A 398 2.99 -5.55 0.59
N ILE A 399 2.68 -6.43 -0.37
CA ILE A 399 3.09 -6.21 -1.75
C ILE A 399 1.83 -6.15 -2.60
N GLU A 400 1.66 -5.09 -3.38
CA GLU A 400 0.51 -5.01 -4.28
C GLU A 400 0.82 -4.14 -5.50
N CYS A 401 0.10 -4.35 -6.59
CA CYS A 401 0.26 -3.49 -7.76
C CYS A 401 -0.59 -2.24 -7.58
N ALA A 402 -0.05 -1.25 -6.87
CA ALA A 402 -0.75 -0.01 -6.54
C ALA A 402 -1.05 0.84 -7.77
N LYS A 403 -0.29 0.63 -8.84
CA LYS A 403 -0.53 1.32 -10.10
C LYS A 403 -1.88 0.91 -10.70
N ARG A 404 -2.23 -0.37 -10.56
CA ARG A 404 -3.43 -0.89 -11.22
C ARG A 404 -4.65 -1.07 -10.30
N GLU A 405 -4.41 -1.44 -9.04
CA GLU A 405 -5.53 -1.72 -8.13
C GLU A 405 -5.92 -0.51 -7.33
N LEU A 406 -7.23 -0.21 -7.29
CA LEU A 406 -7.71 0.89 -6.45
C LEU A 406 -7.52 0.50 -5.00
N HIS A 407 -6.95 1.40 -4.21
CA HIS A 407 -6.67 1.06 -2.80
C HIS A 407 -6.75 2.30 -1.93
N ALA A 408 -6.80 2.11 -0.61
CA ALA A 408 -7.09 3.20 0.31
C ALA A 408 -6.66 2.77 1.70
N THR A 409 -6.58 3.74 2.62
CA THR A 409 -6.37 3.43 4.03
C THR A 409 -7.46 4.13 4.83
N THR A 410 -7.87 3.54 5.94
CA THR A 410 -8.98 4.11 6.68
C THR A 410 -8.55 5.28 7.57
N PRO A 411 -9.46 6.22 7.83
CA PRO A 411 -9.07 7.36 8.66
C PRO A 411 -9.01 6.96 10.12
N LEU A 412 -8.10 7.58 10.88
CA LEU A 412 -8.02 7.29 12.31
C LEU A 412 -9.07 8.07 13.09
N LYS A 413 -9.42 7.59 14.28
CA LYS A 413 -10.39 8.28 15.12
C LYS A 413 -9.84 9.63 15.59
N ASN A 414 -8.56 9.62 15.98
CA ASN A 414 -7.89 10.83 16.44
C ASN A 414 -6.47 10.85 15.91
N PRO A 415 -6.31 11.28 14.64
CA PRO A 415 -4.98 11.21 14.02
C PRO A 415 -3.99 12.07 14.79
N ASN A 416 -2.77 11.57 14.98
CA ASN A 416 -1.74 12.33 15.67
C ASN A 416 -0.38 11.90 15.15
N ARG A 417 0.19 12.66 14.23
CA ARG A 417 1.44 12.21 13.63
C ARG A 417 2.61 12.28 14.62
N ASN A 418 2.40 12.93 15.76
CA ASN A 418 3.42 12.99 16.81
C ASN A 418 3.50 11.69 17.62
N HIS A 419 2.49 10.84 17.47
CA HIS A 419 2.42 9.55 18.17
C HIS A 419 1.41 8.71 17.39
N PRO A 420 1.79 8.35 16.16
CA PRO A 420 0.83 7.80 15.20
C PRO A 420 0.37 6.40 15.53
N THR A 421 -0.90 6.12 15.23
CA THR A 421 -1.42 4.78 15.32
C THR A 421 -0.72 3.84 14.33
N ARG A 422 -0.49 4.31 13.11
CA ARG A 422 0.23 3.52 12.12
C ARG A 422 1.14 4.43 11.30
N ILE A 423 2.35 3.93 11.05
CA ILE A 423 3.23 4.51 10.04
C ILE A 423 3.37 3.50 8.92
N SER A 424 3.16 3.91 7.68
CA SER A 424 3.48 3.02 6.56
C SER A 424 4.68 3.59 5.81
N LEU A 425 5.60 2.71 5.45
CA LEU A 425 6.74 3.10 4.63
C LEU A 425 6.49 2.44 3.29
N VAL A 426 6.26 3.24 2.26
CA VAL A 426 5.77 2.77 0.97
C VAL A 426 6.91 2.89 -0.04
N PHE A 427 7.37 1.75 -0.58
CA PHE A 427 8.52 1.72 -1.49
C PHE A 427 8.10 1.45 -2.93
N TYR A 428 8.58 2.26 -3.87
CA TYR A 428 8.11 2.16 -5.26
C TYR A 428 9.16 2.63 -6.23
N GLN A 429 8.93 2.41 -7.53
CA GLN A 429 9.74 3.05 -8.55
C GLN A 429 8.81 3.66 -9.59
N HIS A 430 9.03 4.94 -9.91
CA HIS A 430 8.19 5.58 -10.92
C HIS A 430 8.61 5.18 -12.33
N LYS A 431 7.75 5.49 -13.30
CA LYS A 431 8.07 5.29 -14.70
C LYS A 431 9.19 6.22 -15.10
N SER A 432 9.90 5.86 -16.17
CA SER A 432 10.91 6.72 -16.80
C SER A 432 12.02 7.18 -15.85
N MET A 433 12.45 6.31 -14.95
CA MET A 433 13.57 6.64 -14.06
C MET A 433 14.81 5.86 -14.47
N ASN A 434 15.07 5.79 -15.78
CA ASN A 434 16.13 4.93 -16.30
C ASN A 434 17.32 5.67 -16.91
N GLU A 435 17.50 6.95 -16.56
CA GLU A 435 18.64 7.72 -17.07
C GLU A 435 19.66 8.00 -15.97
N PRO A 436 20.96 8.02 -16.33
CA PRO A 436 22.05 8.27 -15.38
C PRO A 436 21.96 9.66 -14.80
N LYS A 437 22.40 9.82 -13.56
CA LYS A 437 22.53 11.13 -12.91
C LYS A 437 21.23 11.92 -12.94
N HIS A 438 20.14 11.24 -12.61
CA HIS A 438 18.82 11.85 -12.53
C HIS A 438 18.38 12.48 -13.86
N GLY A 439 18.96 12.01 -14.97
CA GLY A 439 18.57 12.50 -16.29
C GLY A 439 19.20 13.85 -16.61
N LEU A 440 20.28 14.18 -15.92
CA LEU A 440 20.99 15.44 -16.15
C LEU A 440 21.42 15.65 -17.60
N ALA A 441 22.08 14.65 -18.18
CA ALA A 441 22.61 14.77 -19.54
C ALA A 441 21.47 14.92 -20.55
N LEU A 442 20.42 14.12 -20.39
CA LEU A 442 19.30 14.16 -21.31
C LEU A 442 18.61 15.52 -21.27
N TRP A 443 18.42 16.07 -20.08
CA TRP A 443 17.79 17.38 -19.95
C TRP A 443 18.68 18.52 -20.49
N GLU A 444 19.99 18.43 -20.26
CA GLU A 444 20.92 19.40 -20.80
C GLU A 444 20.83 19.46 -22.32
N ALA A 445 20.76 18.29 -22.95
CA ALA A 445 20.60 18.18 -24.40
C ALA A 445 19.36 18.93 -24.90
N LYS A 446 18.32 18.97 -24.06
CA LYS A 446 17.07 19.65 -24.42
C LYS A 446 17.17 21.18 -24.41
N MET A 447 17.80 21.73 -23.38
CA MET A 447 18.02 23.18 -23.32
C MET A 447 19.19 23.58 -24.21
#